data_9FBU
#
_entry.id   9FBU
#
_cell.length_a   68.760
_cell.length_b   100.840
_cell.length_c   73.290
_cell.angle_alpha   90.000
_cell.angle_beta   90.000
_cell.angle_gamma   90.000
#
_symmetry.space_group_name_H-M   'P 21 21 2'
#
loop_
_entity.id
_entity.type
_entity.pdbx_description
1 polymer 'Periplasmic binding transport protein,Green fluorescent protein'
2 non-polymer 'GLUTAMIC ACID'
3 water water
#
_entity_poly.entity_id   1
_entity_poly.type   'polypeptide(L)'
_entity_poly.pdbx_seq_one_letter_code
;GAAGSTLDKIAKNGVIVVGHRDSSVPFSYYDSQHKVVGYSQEYSNAIVEAVKKKLNKPDLQVKLIPITSQNRIPLLQNGT
YDFECGSTTNNVERQKQAAFSDTIFVVGTRLLTKKGGDIKDFANLKDKAVVVTSGTTSEVLLNKLNEEQKMNMRIISAKD
HGDSFRTLESGRAVAFMMDDSLLAGERAKAKKPDDWEIVGKPQSQEAYGCMLRKDDPQFKKLMDDTIAQVQTSGEAEKWF
DKWFKNPILVNHTVYITADKQKNGIKANFKIHHNVEDGSVQLADHYQQNTPIGDGPVLLPDNHYLSYQSVLSKDPNEKRD
HMVLLEFVTATGNSLGMDELYKGGTGGSMSKGEELFTGVVPILVELDGDVNGHKFSVRGEGEGDATNGKLTLKFICTTGK
LPVPWPTLVTTL(GYS)VQCFARYPDHMKQHDFFKSAMPEGYVQERTISFKDDGTYKTRAEVKLEGDTLVNRIELKGIDF
KEDGNILGHKLEYNFNNPLNMNFELSDEMKALFKEPNDKALK
;
_entity_poly.pdbx_strand_id   A
#
# COMPACT_ATOMS: atom_id res chain seq x y z
N SER A 5 -17.94 -33.33 2.85
CA SER A 5 -18.29 -31.96 3.18
C SER A 5 -17.05 -31.22 3.66
N THR A 6 -17.03 -29.90 3.47
CA THR A 6 -15.82 -29.16 3.83
C THR A 6 -15.64 -29.08 5.34
N LEU A 7 -16.73 -28.92 6.09
CA LEU A 7 -16.59 -28.86 7.54
C LEU A 7 -16.08 -30.18 8.10
N ASP A 8 -16.47 -31.30 7.49
CA ASP A 8 -15.93 -32.60 7.92
C ASP A 8 -14.45 -32.70 7.60
N LYS A 9 -14.04 -32.21 6.42
CA LYS A 9 -12.62 -32.24 6.07
C LYS A 9 -11.80 -31.38 7.02
N ILE A 10 -12.32 -30.19 7.34
CA ILE A 10 -11.61 -29.31 8.27
C ILE A 10 -11.47 -29.98 9.63
N ALA A 11 -12.58 -30.55 10.13
CA ALA A 11 -12.55 -31.19 11.45
C ALA A 11 -11.57 -32.37 11.46
N LYS A 12 -11.56 -33.15 10.39
CA LYS A 12 -10.69 -34.32 10.34
C LYS A 12 -9.22 -33.91 10.22
N ASN A 13 -8.93 -32.85 9.48
CA ASN A 13 -7.54 -32.45 9.23
C ASN A 13 -7.00 -31.46 10.24
N GLY A 14 -7.85 -30.84 11.05
CA GLY A 14 -7.36 -29.87 12.01
C GLY A 14 -6.88 -28.59 11.37
N VAL A 15 -7.25 -28.34 10.12
CA VAL A 15 -6.78 -27.16 9.41
C VAL A 15 -7.86 -26.72 8.43
N ILE A 16 -7.97 -25.41 8.24
CA ILE A 16 -8.79 -24.83 7.20
C ILE A 16 -7.86 -24.13 6.23
N VAL A 17 -8.01 -24.42 4.94
CA VAL A 17 -7.09 -23.91 3.93
C VAL A 17 -7.79 -22.78 3.18
N VAL A 18 -7.23 -21.58 3.28
CA VAL A 18 -7.83 -20.37 2.74
C VAL A 18 -7.04 -19.96 1.50
N GLY A 19 -7.68 -19.98 0.34
CA GLY A 19 -7.06 -19.41 -0.84
C GLY A 19 -7.07 -17.89 -0.76
N HIS A 20 -6.08 -17.26 -1.38
CA HIS A 20 -6.03 -15.80 -1.38
C HIS A 20 -5.35 -15.32 -2.65
N ARG A 21 -5.49 -14.03 -2.91
CA ARG A 21 -4.91 -13.44 -4.11
C ARG A 21 -3.60 -12.73 -3.78
N ASP A 22 -2.81 -12.54 -4.84
CA ASP A 22 -1.51 -11.88 -4.70
C ASP A 22 -1.64 -10.37 -4.80
N SER A 23 -2.49 -9.91 -5.72
CA SER A 23 -2.54 -8.49 -6.07
C SER A 23 -3.94 -8.13 -6.56
N SER A 24 -4.97 -8.48 -5.79
CA SER A 24 -6.31 -8.00 -6.13
C SER A 24 -6.61 -6.85 -5.17
N VAL A 25 -6.07 -5.68 -5.49
CA VAL A 25 -6.10 -4.53 -4.59
C VAL A 25 -7.42 -3.80 -4.77
N PRO A 26 -8.16 -3.47 -3.68
CA PRO A 26 -7.84 -3.59 -2.27
C PRO A 26 -8.56 -4.75 -1.59
N PHE A 27 -8.83 -5.82 -2.33
CA PHE A 27 -9.67 -6.91 -1.85
C PHE A 27 -8.86 -7.99 -1.14
N SER A 28 -7.77 -8.45 -1.75
CA SER A 28 -6.98 -9.54 -1.19
C SER A 28 -5.61 -9.43 -1.85
N TYR A 29 -4.60 -9.07 -1.07
CA TYR A 29 -3.31 -8.73 -1.64
C TYR A 29 -2.23 -8.75 -0.57
N TYR A 30 -0.99 -8.89 -1.02
CA TYR A 30 0.14 -8.80 -0.10
C TYR A 30 0.49 -7.35 0.19
N ASP A 31 0.64 -7.01 1.48
CA ASP A 31 1.18 -5.69 1.81
C ASP A 31 2.69 -5.72 1.72
N SER A 32 3.34 -4.60 2.09
CA SER A 32 4.78 -4.48 1.91
C SER A 32 5.55 -5.50 2.75
N GLN A 33 4.93 -6.04 3.80
CA GLN A 33 5.58 -7.02 4.66
C GLN A 33 5.21 -8.45 4.32
N HIS A 34 4.62 -8.67 3.12
CA HIS A 34 4.21 -9.98 2.64
C HIS A 34 3.14 -10.62 3.52
N LYS A 35 2.28 -9.79 4.10
CA LYS A 35 1.09 -10.27 4.80
C LYS A 35 -0.13 -10.06 3.91
N VAL A 36 -1.05 -11.03 3.94
CA VAL A 36 -2.25 -10.96 3.12
C VAL A 36 -3.30 -10.11 3.82
N VAL A 37 -3.78 -9.06 3.15
CA VAL A 37 -4.72 -8.07 3.70
C VAL A 37 -5.81 -7.78 2.67
N GLY A 38 -6.75 -6.92 3.04
CA GLY A 38 -7.73 -6.36 2.12
C GLY A 38 -9.16 -6.58 2.59
N TYR A 39 -10.07 -5.88 1.88
CA TYR A 39 -11.49 -5.88 2.26
C TYR A 39 -12.11 -7.27 2.20
N SER A 40 -11.80 -8.04 1.15
CA SER A 40 -12.38 -9.37 1.04
C SER A 40 -11.75 -10.33 2.04
N GLN A 41 -10.45 -10.16 2.30
CA GLN A 41 -9.74 -10.99 3.26
C GLN A 41 -10.30 -10.85 4.67
N GLU A 42 -10.90 -9.70 4.98
CA GLU A 42 -11.60 -9.56 6.27
C GLU A 42 -12.65 -10.65 6.43
N TYR A 43 -13.41 -10.92 5.35
CA TYR A 43 -14.43 -11.96 5.41
C TYR A 43 -13.80 -13.34 5.65
N SER A 44 -12.64 -13.59 5.03
CA SER A 44 -11.98 -14.86 5.25
C SER A 44 -11.67 -15.06 6.72
N ASN A 45 -11.17 -14.01 7.38
CA ASN A 45 -10.88 -14.11 8.80
CA ASN A 45 -10.87 -14.06 8.80
C ASN A 45 -12.13 -14.33 9.61
N ALA A 46 -13.23 -13.66 9.25
CA ALA A 46 -14.47 -13.82 10.00
C ALA A 46 -15.02 -15.22 9.82
N ILE A 47 -14.94 -15.75 8.58
CA ILE A 47 -15.41 -17.11 8.31
C ILE A 47 -14.56 -18.13 9.06
N VAL A 48 -13.24 -17.92 9.09
CA VAL A 48 -12.36 -18.83 9.83
C VAL A 48 -12.77 -18.90 11.30
N GLU A 49 -13.06 -17.74 11.90
CA GLU A 49 -13.49 -17.71 13.29
C GLU A 49 -14.84 -18.41 13.47
N ALA A 50 -15.75 -18.24 12.50
CA ALA A 50 -17.05 -18.89 12.59
C ALA A 50 -16.90 -20.40 12.50
N VAL A 51 -15.93 -20.89 11.73
CA VAL A 51 -15.70 -22.33 11.64
C VAL A 51 -15.15 -22.85 12.97
N LYS A 52 -14.22 -22.10 13.57
CA LYS A 52 -13.68 -22.48 14.89
C LYS A 52 -14.79 -22.61 15.93
N LYS A 53 -15.78 -21.72 15.88
CA LYS A 53 -16.88 -21.82 16.82
C LYS A 53 -17.79 -22.99 16.47
N LYS A 54 -18.17 -23.11 15.21
CA LYS A 54 -19.08 -24.18 14.79
C LYS A 54 -18.52 -25.54 15.16
N LEU A 55 -17.24 -25.77 14.86
CA LEU A 55 -16.62 -27.06 15.12
C LEU A 55 -16.16 -27.22 16.56
N ASN A 56 -16.23 -26.15 17.35
CA ASN A 56 -15.70 -26.12 18.72
C ASN A 56 -14.23 -26.59 18.72
N LYS A 57 -13.45 -26.06 17.78
CA LYS A 57 -12.02 -26.30 17.69
C LYS A 57 -11.31 -24.95 17.73
N PRO A 58 -11.12 -24.39 18.92
CA PRO A 58 -10.49 -23.06 19.01
C PRO A 58 -9.05 -23.03 18.58
N ASP A 59 -8.38 -24.18 18.50
CA ASP A 59 -6.98 -24.25 18.10
C ASP A 59 -6.82 -24.69 16.65
N LEU A 60 -7.90 -24.63 15.87
CA LEU A 60 -7.86 -24.96 14.45
C LEU A 60 -6.77 -24.15 13.75
N GLN A 61 -5.93 -24.83 12.99
CA GLN A 61 -4.86 -24.19 12.24
C GLN A 61 -5.38 -23.60 10.93
N VAL A 62 -4.75 -22.51 10.48
CA VAL A 62 -5.13 -21.81 9.26
C VAL A 62 -3.95 -21.84 8.31
N LYS A 63 -4.18 -22.33 7.10
CA LYS A 63 -3.16 -22.37 6.05
C LYS A 63 -3.61 -21.49 4.90
N LEU A 64 -2.77 -20.53 4.50
CA LEU A 64 -3.06 -19.65 3.38
C LEU A 64 -2.31 -20.13 2.16
N ILE A 65 -2.99 -20.24 1.03
CA ILE A 65 -2.31 -20.62 -0.20
C ILE A 65 -2.67 -19.63 -1.31
N PRO A 66 -1.72 -19.22 -2.14
CA PRO A 66 -2.04 -18.28 -3.24
C PRO A 66 -2.70 -18.98 -4.42
N ILE A 67 -3.66 -18.29 -5.04
CA ILE A 67 -4.37 -18.81 -6.20
C ILE A 67 -4.33 -17.71 -7.26
N THR A 68 -4.68 -18.07 -8.49
CA THR A 68 -4.79 -17.12 -9.58
C THR A 68 -6.20 -17.15 -10.16
N SER A 69 -6.49 -16.18 -11.02
CA SER A 69 -7.79 -16.17 -11.68
C SER A 69 -7.97 -17.41 -12.54
N GLN A 70 -6.87 -17.96 -13.06
CA GLN A 70 -6.94 -19.14 -13.91
C GLN A 70 -7.06 -20.42 -13.09
N ASN A 71 -6.29 -20.57 -12.01
CA ASN A 71 -6.27 -21.87 -11.34
C ASN A 71 -7.25 -21.97 -10.17
N ARG A 72 -8.04 -20.92 -9.91
CA ARG A 72 -8.81 -20.91 -8.66
C ARG A 72 -9.86 -22.01 -8.63
N ILE A 73 -10.46 -22.34 -9.77
CA ILE A 73 -11.54 -23.33 -9.74
C ILE A 73 -10.94 -24.74 -9.73
N PRO A 74 -9.93 -25.06 -10.54
CA PRO A 74 -9.30 -26.39 -10.42
C PRO A 74 -8.77 -26.70 -9.04
N LEU A 75 -8.08 -25.73 -8.40
CA LEU A 75 -7.50 -25.96 -7.08
C LEU A 75 -8.57 -26.04 -6.00
N LEU A 76 -9.74 -25.44 -6.22
CA LEU A 76 -10.83 -25.61 -5.28
C LEU A 76 -11.47 -26.99 -5.43
N GLN A 77 -11.70 -27.41 -6.67
CA GLN A 77 -12.38 -28.67 -6.91
C GLN A 77 -11.55 -29.87 -6.45
N ASN A 78 -10.22 -29.80 -6.55
CA ASN A 78 -9.39 -30.91 -6.12
C ASN A 78 -8.98 -30.80 -4.65
N GLY A 79 -9.61 -29.92 -3.88
CA GLY A 79 -9.36 -29.79 -2.46
C GLY A 79 -8.06 -29.13 -2.03
N THR A 80 -7.31 -28.51 -2.95
CA THR A 80 -6.09 -27.80 -2.55
C THR A 80 -6.39 -26.68 -1.54
N TYR A 81 -7.56 -26.04 -1.64
CA TYR A 81 -7.98 -25.09 -0.61
C TYR A 81 -9.48 -25.24 -0.40
N ASP A 82 -10.01 -24.62 0.67
CA ASP A 82 -11.39 -24.85 1.06
C ASP A 82 -12.33 -23.72 0.69
N PHE A 83 -11.87 -22.47 0.76
CA PHE A 83 -12.64 -21.35 0.22
C PHE A 83 -11.69 -20.18 -0.02
N GLU A 84 -12.19 -19.15 -0.70
CA GLU A 84 -11.44 -17.92 -0.89
C GLU A 84 -12.41 -16.76 -0.97
N CYS A 85 -12.00 -15.62 -0.40
CA CYS A 85 -12.74 -14.37 -0.51
C CYS A 85 -11.78 -13.37 -1.14
N GLY A 86 -12.12 -12.91 -2.34
CA GLY A 86 -11.18 -12.06 -3.07
C GLY A 86 -11.91 -11.21 -4.08
N SER A 87 -11.67 -11.49 -5.36
CA SER A 87 -12.27 -10.71 -6.42
C SER A 87 -12.85 -11.64 -7.48
N THR A 88 -13.50 -12.73 -7.06
CA THR A 88 -14.05 -13.71 -8.00
C THR A 88 -15.52 -13.41 -8.23
N THR A 89 -15.88 -13.19 -9.49
CA THR A 89 -17.27 -12.97 -9.88
C THR A 89 -18.10 -14.24 -9.77
N ASN A 90 -19.25 -14.10 -9.12
CA ASN A 90 -20.32 -15.09 -9.09
C ASN A 90 -21.13 -14.96 -10.38
N ASN A 91 -21.08 -15.98 -11.27
CA ASN A 91 -22.00 -16.01 -12.40
C ASN A 91 -22.55 -17.41 -12.58
N VAL A 92 -23.55 -17.54 -13.47
CA VAL A 92 -24.29 -18.81 -13.58
C VAL A 92 -23.40 -19.89 -14.18
N GLU A 93 -22.54 -19.53 -15.13
CA GLU A 93 -21.64 -20.53 -15.70
C GLU A 93 -20.70 -21.09 -14.63
N ARG A 94 -20.16 -20.23 -13.75
CA ARG A 94 -19.26 -20.76 -12.72
C ARG A 94 -19.99 -21.54 -11.63
N GLN A 95 -21.29 -21.29 -11.45
CA GLN A 95 -22.09 -22.05 -10.50
C GLN A 95 -22.19 -23.52 -10.91
N LYS A 96 -21.90 -23.85 -12.17
CA LYS A 96 -21.78 -25.26 -12.55
C LYS A 96 -20.54 -25.91 -11.97
N GLN A 97 -19.55 -25.11 -11.55
CA GLN A 97 -18.24 -25.59 -11.12
C GLN A 97 -17.96 -25.41 -9.64
N ALA A 98 -18.70 -24.52 -8.99
CA ALA A 98 -18.38 -24.08 -7.64
C ALA A 98 -19.64 -23.40 -7.11
N ALA A 99 -19.59 -23.04 -5.83
CA ALA A 99 -20.69 -22.36 -5.18
C ALA A 99 -20.21 -20.99 -4.72
N PHE A 100 -21.13 -20.05 -4.61
CA PHE A 100 -20.79 -18.70 -4.17
C PHE A 100 -21.58 -18.30 -2.93
N SER A 101 -20.91 -17.57 -2.04
CA SER A 101 -21.55 -17.01 -0.87
C SER A 101 -22.40 -15.80 -1.24
N ASP A 102 -23.04 -15.22 -0.23
CA ASP A 102 -23.59 -13.88 -0.35
C ASP A 102 -22.55 -12.95 -0.97
N THR A 103 -23.04 -12.04 -1.80
CA THR A 103 -22.17 -11.09 -2.48
C THR A 103 -21.49 -10.15 -1.49
N ILE A 104 -20.21 -9.87 -1.72
CA ILE A 104 -19.47 -8.96 -0.86
C ILE A 104 -19.12 -7.65 -1.55
N PHE A 105 -19.21 -7.56 -2.88
CA PHE A 105 -18.94 -6.30 -3.57
C PHE A 105 -19.46 -6.40 -5.00
N VAL A 106 -19.59 -5.24 -5.64
CA VAL A 106 -20.07 -5.16 -7.02
C VAL A 106 -19.16 -4.21 -7.79
N VAL A 107 -18.73 -4.63 -8.97
CA VAL A 107 -17.80 -3.88 -9.80
C VAL A 107 -18.36 -3.76 -11.21
N GLY A 108 -17.73 -2.89 -11.99
CA GLY A 108 -18.03 -2.76 -13.40
C GLY A 108 -16.74 -2.88 -14.19
N THR A 109 -16.79 -3.60 -15.30
CA THR A 109 -15.58 -3.86 -16.09
C THR A 109 -15.30 -2.68 -17.03
N ARG A 110 -14.13 -2.05 -16.86
CA ARG A 110 -13.79 -0.84 -17.60
C ARG A 110 -12.36 -0.97 -18.12
N LEU A 111 -11.78 0.14 -18.53
CA LEU A 111 -10.46 0.17 -19.14
C LEU A 111 -9.56 1.11 -18.35
N LEU A 112 -8.28 0.72 -18.19
CA LEU A 112 -7.25 1.63 -17.71
C LEU A 112 -6.34 1.97 -18.88
N THR A 113 -6.03 3.25 -19.05
CA THR A 113 -5.28 3.70 -20.23
C THR A 113 -4.46 4.92 -19.85
N LYS A 114 -3.40 5.19 -20.60
CA LYS A 114 -2.58 6.37 -20.30
C LYS A 114 -3.29 7.65 -20.73
N LYS A 115 -3.22 8.67 -19.88
CA LYS A 115 -3.79 9.97 -20.26
C LYS A 115 -3.07 10.54 -21.48
N GLY A 116 -3.78 11.38 -22.22
CA GLY A 116 -3.21 12.00 -23.40
C GLY A 116 -3.36 11.21 -24.67
N GLY A 117 -4.03 10.06 -24.63
CA GLY A 117 -4.16 9.18 -25.75
C GLY A 117 -5.52 9.26 -26.39
N ASP A 118 -5.88 8.21 -27.14
CA ASP A 118 -7.13 8.22 -27.87
C ASP A 118 -8.07 7.09 -27.45
N ILE A 119 -7.78 6.38 -26.36
CA ILE A 119 -8.69 5.37 -25.85
C ILE A 119 -9.64 6.07 -24.88
N LYS A 120 -10.87 6.32 -25.34
CA LYS A 120 -11.92 6.89 -24.51
C LYS A 120 -13.05 5.91 -24.22
N ASP A 121 -13.24 4.92 -25.07
CA ASP A 121 -14.27 3.91 -24.85
C ASP A 121 -13.86 2.65 -25.57
N PHE A 122 -14.63 1.58 -25.36
CA PHE A 122 -14.28 0.28 -25.91
C PHE A 122 -14.17 0.32 -27.43
N ALA A 123 -14.93 1.21 -28.10
CA ALA A 123 -14.85 1.25 -29.56
C ALA A 123 -13.47 1.64 -30.05
N ASN A 124 -12.69 2.41 -29.25
CA ASN A 124 -11.36 2.82 -29.67
C ASN A 124 -10.33 1.69 -29.60
N LEU A 125 -10.71 0.52 -29.07
CA LEU A 125 -9.78 -0.61 -29.01
C LEU A 125 -9.63 -1.31 -30.35
N LYS A 126 -10.41 -0.92 -31.37
CA LYS A 126 -10.37 -1.59 -32.67
C LYS A 126 -8.93 -1.71 -33.19
N ASP A 127 -8.56 -2.92 -33.60
CA ASP A 127 -7.27 -3.28 -34.17
C ASP A 127 -6.09 -3.15 -33.21
N LYS A 128 -6.33 -2.89 -31.93
CA LYS A 128 -5.24 -2.54 -31.02
C LYS A 128 -4.95 -3.68 -30.05
N ALA A 129 -3.84 -3.54 -29.33
CA ALA A 129 -3.38 -4.53 -28.35
C ALA A 129 -3.94 -4.19 -26.97
N VAL A 130 -4.65 -5.14 -26.38
CA VAL A 130 -5.34 -4.94 -25.11
C VAL A 130 -4.91 -6.05 -24.18
N VAL A 131 -4.51 -5.69 -22.94
CA VAL A 131 -4.09 -6.67 -21.94
C VAL A 131 -5.23 -6.96 -20.98
N VAL A 132 -5.26 -8.20 -20.49
CA VAL A 132 -6.31 -8.68 -19.60
C VAL A 132 -5.71 -9.85 -18.84
N THR A 133 -6.27 -10.13 -17.67
CA THR A 133 -5.77 -11.24 -16.86
C THR A 133 -6.39 -12.56 -17.30
N SER A 134 -5.54 -13.56 -17.51
CA SER A 134 -6.01 -14.89 -17.90
CA SER A 134 -6.01 -14.89 -17.89
C SER A 134 -7.04 -15.41 -16.91
N GLY A 135 -8.08 -16.05 -17.45
CA GLY A 135 -9.08 -16.72 -16.63
C GLY A 135 -10.13 -15.83 -16.00
N THR A 136 -10.29 -14.60 -16.49
CA THR A 136 -11.27 -13.66 -15.92
C THR A 136 -12.48 -13.49 -16.83
N THR A 137 -13.54 -12.92 -16.24
CA THR A 137 -14.71 -12.53 -17.04
C THR A 137 -14.35 -11.47 -18.10
N SER A 138 -13.38 -10.59 -17.81
CA SER A 138 -13.01 -9.58 -18.82
C SER A 138 -12.35 -10.23 -20.02
N GLU A 139 -11.54 -11.26 -19.79
CA GLU A 139 -10.96 -11.99 -20.93
C GLU A 139 -12.08 -12.54 -21.82
N VAL A 140 -13.13 -13.11 -21.22
CA VAL A 140 -14.25 -13.63 -22.00
C VAL A 140 -14.90 -12.51 -22.79
N LEU A 141 -15.13 -11.36 -22.12
CA LEU A 141 -15.83 -10.25 -22.77
C LEU A 141 -15.04 -9.70 -23.95
N LEU A 142 -13.71 -9.67 -23.83
CA LEU A 142 -12.88 -9.17 -24.92
C LEU A 142 -12.94 -10.11 -26.13
N ASN A 143 -12.89 -11.42 -25.86
CA ASN A 143 -13.00 -12.37 -26.96
C ASN A 143 -14.38 -12.29 -27.60
N LYS A 144 -15.41 -12.01 -26.80
CA LYS A 144 -16.74 -11.87 -27.36
C LYS A 144 -16.87 -10.59 -28.19
N LEU A 145 -16.21 -9.51 -27.75
CA LEU A 145 -16.15 -8.31 -28.57
C LEU A 145 -15.44 -8.58 -29.90
N ASN A 146 -14.43 -9.45 -29.90
CA ASN A 146 -13.76 -9.81 -31.14
C ASN A 146 -14.67 -10.63 -32.04
N GLU A 147 -15.38 -11.61 -31.47
CA GLU A 147 -16.17 -12.53 -32.28
C GLU A 147 -17.43 -11.86 -32.82
N GLU A 148 -18.07 -11.00 -32.01
CA GLU A 148 -19.37 -10.47 -32.37
C GLU A 148 -19.32 -9.07 -32.95
N GLN A 149 -18.34 -8.25 -32.57
CA GLN A 149 -18.23 -6.88 -33.06
C GLN A 149 -17.03 -6.70 -33.99
N LYS A 150 -16.37 -7.79 -34.37
CA LYS A 150 -15.28 -7.77 -35.35
C LYS A 150 -14.23 -6.71 -34.99
N MET A 151 -13.91 -6.61 -33.71
CA MET A 151 -13.02 -5.57 -33.21
CA MET A 151 -13.02 -5.55 -33.24
C MET A 151 -11.56 -5.81 -33.58
N ASN A 152 -11.19 -7.06 -33.88
CA ASN A 152 -9.81 -7.38 -34.28
C ASN A 152 -8.78 -6.91 -33.26
N MET A 153 -9.07 -7.19 -32.00
CA MET A 153 -8.18 -6.80 -30.92
C MET A 153 -7.12 -7.88 -30.78
N ARG A 154 -5.86 -7.48 -30.57
CA ARG A 154 -4.84 -8.44 -30.13
C ARG A 154 -4.88 -8.52 -28.61
N ILE A 155 -5.39 -9.64 -28.08
CA ILE A 155 -5.61 -9.78 -26.64
C ILE A 155 -4.38 -10.43 -26.01
N ILE A 156 -3.72 -9.68 -25.13
CA ILE A 156 -2.57 -10.17 -24.38
C ILE A 156 -3.08 -10.64 -23.03
N SER A 157 -2.87 -11.92 -22.69
CA SER A 157 -3.38 -12.50 -21.45
C SER A 157 -2.23 -12.70 -20.48
N ALA A 158 -2.30 -12.06 -19.33
CA ALA A 158 -1.24 -12.08 -18.33
C ALA A 158 -1.65 -12.92 -17.12
N LYS A 159 -0.66 -13.31 -16.32
CA LYS A 159 -0.94 -14.27 -15.24
C LYS A 159 -1.78 -13.64 -14.12
N ASP A 160 -1.56 -12.37 -13.80
CA ASP A 160 -2.25 -11.76 -12.67
C ASP A 160 -2.37 -10.27 -12.94
N HIS A 161 -3.11 -9.59 -12.07
CA HIS A 161 -3.46 -8.21 -12.39
C HIS A 161 -2.24 -7.31 -12.38
N GLY A 162 -1.25 -7.60 -11.54
CA GLY A 162 -0.04 -6.78 -11.56
C GLY A 162 0.74 -6.96 -12.85
N ASP A 163 0.80 -8.20 -13.35
CA ASP A 163 1.46 -8.44 -14.63
C ASP A 163 0.72 -7.74 -15.76
N SER A 164 -0.61 -7.76 -15.70
CA SER A 164 -1.40 -7.05 -16.70
C SER A 164 -1.11 -5.57 -16.69
N PHE A 165 -1.12 -4.96 -15.50
CA PHE A 165 -0.86 -3.53 -15.44
C PHE A 165 0.53 -3.20 -15.97
N ARG A 166 1.53 -3.99 -15.57
CA ARG A 166 2.89 -3.65 -15.97
C ARG A 166 3.06 -3.77 -17.47
N THR A 167 2.26 -4.63 -18.12
CA THR A 167 2.24 -4.70 -19.58
C THR A 167 1.75 -3.37 -20.15
N LEU A 168 0.65 -2.85 -19.60
CA LEU A 168 0.15 -1.53 -19.99
C LEU A 168 1.19 -0.46 -19.72
N GLU A 169 1.75 -0.46 -18.50
CA GLU A 169 2.68 0.59 -18.08
C GLU A 169 3.89 0.63 -18.98
N SER A 170 4.34 -0.52 -19.44
CA SER A 170 5.55 -0.57 -20.26
C SER A 170 5.28 -0.23 -21.71
N GLY A 171 4.04 0.07 -22.08
CA GLY A 171 3.72 0.46 -23.43
C GLY A 171 3.37 -0.66 -24.37
N ARG A 172 3.32 -1.90 -23.89
CA ARG A 172 3.04 -3.04 -24.74
C ARG A 172 1.55 -3.30 -24.93
N ALA A 173 0.69 -2.49 -24.32
CA ALA A 173 -0.74 -2.55 -24.61
C ALA A 173 -1.30 -1.13 -24.51
N VAL A 174 -2.38 -0.87 -25.24
CA VAL A 174 -2.99 0.46 -25.20
C VAL A 174 -3.93 0.60 -24.02
N ALA A 175 -4.43 -0.50 -23.48
CA ALA A 175 -5.37 -0.44 -22.38
C ALA A 175 -5.37 -1.78 -21.67
N PHE A 176 -5.75 -1.75 -20.38
CA PHE A 176 -5.97 -2.93 -19.55
C PHE A 176 -7.46 -3.00 -19.23
N MET A 177 -8.14 -4.07 -19.67
CA MET A 177 -9.54 -4.29 -19.30
C MET A 177 -9.62 -5.07 -18.00
N MET A 178 -10.35 -4.55 -17.00
CA MET A 178 -10.57 -5.25 -15.74
C MET A 178 -11.66 -4.56 -14.94
N ASP A 179 -12.16 -5.27 -13.93
CA ASP A 179 -13.00 -4.69 -12.89
C ASP A 179 -12.45 -3.35 -12.44
N ASP A 180 -13.32 -2.34 -12.38
CA ASP A 180 -12.84 -0.99 -12.17
C ASP A 180 -12.13 -0.82 -10.83
N SER A 181 -12.59 -1.48 -9.76
CA SER A 181 -11.88 -1.36 -8.49
C SER A 181 -10.47 -1.91 -8.60
N LEU A 182 -10.31 -3.05 -9.28
CA LEU A 182 -8.99 -3.65 -9.44
C LEU A 182 -8.09 -2.74 -10.26
N LEU A 183 -8.65 -2.06 -11.26
CA LEU A 183 -7.85 -1.12 -12.05
C LEU A 183 -7.34 0.01 -11.17
N ALA A 184 -8.21 0.56 -10.31
CA ALA A 184 -7.76 1.60 -9.41
C ALA A 184 -6.71 1.08 -8.43
N GLY A 185 -6.81 -0.18 -8.01
CA GLY A 185 -5.81 -0.75 -7.11
C GLY A 185 -4.47 -0.89 -7.79
N GLU A 186 -4.47 -1.30 -9.07
CA GLU A 186 -3.21 -1.43 -9.80
C GLU A 186 -2.61 -0.05 -10.08
N ARG A 187 -3.44 0.91 -10.45
CA ARG A 187 -2.95 2.27 -10.64
C ARG A 187 -2.26 2.79 -9.38
N ALA A 188 -2.79 2.41 -8.20
CA ALA A 188 -2.22 2.93 -6.97
C ALA A 188 -0.81 2.43 -6.74
N LYS A 189 -0.44 1.32 -7.37
CA LYS A 189 0.87 0.71 -7.26
C LYS A 189 1.80 1.13 -8.39
N ALA A 190 1.35 2.00 -9.30
CA ALA A 190 2.08 2.39 -10.50
C ALA A 190 3.29 3.29 -10.19
N LYS A 191 4.26 3.29 -11.10
CA LYS A 191 5.36 4.25 -11.02
C LYS A 191 4.84 5.67 -10.96
N LYS A 192 3.87 5.99 -11.82
CA LYS A 192 3.28 7.33 -11.89
C LYS A 192 1.76 7.15 -11.94
N PRO A 193 1.12 6.98 -10.78
CA PRO A 193 -0.35 6.77 -10.77
C PRO A 193 -1.14 7.81 -11.55
N ASP A 194 -0.72 9.08 -11.51
CA ASP A 194 -1.47 10.14 -12.18
C ASP A 194 -1.44 10.04 -13.69
N ASP A 195 -0.63 9.15 -14.26
CA ASP A 195 -0.59 8.94 -15.70
C ASP A 195 -1.79 8.15 -16.21
N TRP A 196 -2.58 7.55 -15.33
CA TRP A 196 -3.52 6.50 -15.73
C TRP A 196 -4.94 6.92 -15.41
N GLU A 197 -5.83 6.72 -16.37
CA GLU A 197 -7.23 7.02 -16.17
C GLU A 197 -8.09 5.80 -16.49
N ILE A 198 -9.16 5.65 -15.74
CA ILE A 198 -10.16 4.63 -16.01
C ILE A 198 -11.25 5.22 -16.90
N VAL A 199 -11.51 4.57 -18.02
CA VAL A 199 -12.42 5.08 -19.04
C VAL A 199 -13.35 3.96 -19.50
N GLY A 200 -14.40 4.37 -20.20
CA GLY A 200 -15.22 3.43 -20.93
C GLY A 200 -16.52 3.09 -20.22
N LYS A 201 -17.56 2.83 -21.00
CA LYS A 201 -18.81 2.35 -20.41
C LYS A 201 -18.60 0.93 -19.90
N PRO A 202 -19.02 0.62 -18.69
CA PRO A 202 -18.77 -0.73 -18.14
C PRO A 202 -19.40 -1.79 -19.02
N GLN A 203 -18.63 -2.84 -19.32
CA GLN A 203 -19.14 -3.89 -20.19
C GLN A 203 -20.02 -4.88 -19.43
N SER A 204 -19.94 -4.86 -18.11
CA SER A 204 -20.73 -5.75 -17.26
C SER A 204 -20.74 -5.15 -15.87
N GLN A 205 -21.75 -5.54 -15.09
CA GLN A 205 -21.77 -5.38 -13.65
C GLN A 205 -21.66 -6.78 -13.06
N GLU A 206 -20.77 -6.94 -12.08
CA GLU A 206 -20.44 -8.26 -11.58
C GLU A 206 -20.40 -8.26 -10.07
N ALA A 207 -20.98 -9.32 -9.47
CA ALA A 207 -20.97 -9.50 -8.03
C ALA A 207 -19.81 -10.41 -7.63
N TYR A 208 -19.00 -9.93 -6.68
CA TYR A 208 -18.00 -10.77 -6.04
C TYR A 208 -18.66 -11.65 -4.98
N GLY A 209 -18.39 -12.94 -5.04
CA GLY A 209 -18.74 -13.82 -3.94
C GLY A 209 -17.53 -14.53 -3.37
N CYS A 210 -17.59 -14.96 -2.11
CA CYS A 210 -16.60 -15.92 -1.64
C CYS A 210 -16.90 -17.28 -2.28
N MET A 211 -15.85 -17.91 -2.83
CA MET A 211 -15.99 -19.17 -3.57
C MET A 211 -15.75 -20.36 -2.65
N LEU A 212 -16.59 -21.40 -2.79
CA LEU A 212 -16.42 -22.66 -2.09
C LEU A 212 -16.86 -23.78 -3.01
N ARG A 213 -16.63 -25.03 -2.61
CA ARG A 213 -17.02 -26.14 -3.49
C ARG A 213 -18.54 -26.22 -3.61
N LYS A 214 -18.99 -26.73 -4.76
CA LYS A 214 -20.44 -26.82 -4.90
C LYS A 214 -20.98 -28.06 -4.18
N ASP A 215 -22.30 -28.13 -4.05
CA ASP A 215 -22.98 -29.24 -3.38
C ASP A 215 -22.51 -29.41 -1.93
N ASP A 216 -22.25 -28.30 -1.24
CA ASP A 216 -21.87 -28.32 0.16
C ASP A 216 -22.71 -27.28 0.88
N PRO A 217 -24.00 -27.55 1.05
CA PRO A 217 -24.91 -26.51 1.58
C PRO A 217 -24.59 -26.11 3.01
N GLN A 218 -24.05 -27.01 3.83
CA GLN A 218 -23.81 -26.64 5.22
C GLN A 218 -22.65 -25.64 5.34
N PHE A 219 -21.59 -25.84 4.55
CA PHE A 219 -20.50 -24.86 4.57
C PHE A 219 -20.95 -23.53 3.97
N LYS A 220 -21.72 -23.56 2.89
CA LYS A 220 -22.26 -22.32 2.33
C LYS A 220 -23.15 -21.59 3.34
N LYS A 221 -23.93 -22.35 4.13
CA LYS A 221 -24.81 -21.71 5.10
C LYS A 221 -24.01 -20.98 6.19
N LEU A 222 -22.94 -21.60 6.68
CA LEU A 222 -22.10 -20.96 7.67
C LEU A 222 -21.51 -19.67 7.10
N MET A 223 -21.07 -19.75 5.85
CA MET A 223 -20.42 -18.63 5.17
C MET A 223 -21.41 -17.47 5.01
N ASP A 224 -22.60 -17.77 4.47
CA ASP A 224 -23.63 -16.76 4.32
C ASP A 224 -24.09 -16.20 5.65
N ASP A 225 -24.30 -17.05 6.66
CA ASP A 225 -24.71 -16.50 7.95
C ASP A 225 -23.68 -15.51 8.47
N THR A 226 -22.39 -15.82 8.29
CA THR A 226 -21.32 -14.95 8.78
C THR A 226 -21.27 -13.64 7.99
N ILE A 227 -21.32 -13.74 6.66
CA ILE A 227 -21.32 -12.54 5.80
C ILE A 227 -22.54 -11.67 6.09
N ALA A 228 -23.73 -12.28 6.19
CA ALA A 228 -24.92 -11.47 6.35
C ALA A 228 -24.86 -10.69 7.67
N GLN A 229 -24.31 -11.31 8.70
CA GLN A 229 -24.20 -10.64 10.00
C GLN A 229 -23.22 -9.46 9.92
N VAL A 230 -22.05 -9.68 9.31
CA VAL A 230 -21.08 -8.59 9.12
C VAL A 230 -21.70 -7.44 8.33
N GLN A 231 -22.53 -7.77 7.33
CA GLN A 231 -23.09 -6.73 6.47
C GLN A 231 -24.23 -5.99 7.16
N THR A 232 -25.16 -6.73 7.77
CA THR A 232 -26.30 -6.07 8.39
C THR A 232 -25.90 -5.33 9.65
N SER A 233 -24.82 -5.75 10.31
CA SER A 233 -24.35 -5.11 11.54
C SER A 233 -23.53 -3.85 11.30
N GLY A 234 -23.20 -3.54 10.05
CA GLY A 234 -22.38 -2.39 9.75
C GLY A 234 -20.89 -2.66 9.68
N GLU A 235 -20.42 -3.86 10.04
CA GLU A 235 -18.99 -4.13 10.04
CA GLU A 235 -18.99 -4.10 10.04
C GLU A 235 -18.43 -4.11 8.62
N ALA A 236 -19.21 -4.55 7.64
CA ALA A 236 -18.72 -4.57 6.27
C ALA A 236 -18.42 -3.15 5.78
N GLU A 237 -19.32 -2.20 6.06
CA GLU A 237 -19.04 -0.82 5.69
C GLU A 237 -17.84 -0.26 6.43
N LYS A 238 -17.63 -0.67 7.70
CA LYS A 238 -16.40 -0.26 8.37
C LYS A 238 -15.18 -0.85 7.67
N TRP A 239 -15.28 -2.09 7.17
CA TRP A 239 -14.18 -2.66 6.41
C TRP A 239 -13.98 -1.94 5.10
N PHE A 240 -15.07 -1.56 4.43
CA PHE A 240 -14.94 -0.77 3.22
C PHE A 240 -14.16 0.51 3.49
N ASP A 241 -14.55 1.27 4.51
CA ASP A 241 -13.82 2.49 4.84
C ASP A 241 -12.36 2.19 5.09
N LYS A 242 -12.08 1.10 5.83
CA LYS A 242 -10.72 0.78 6.24
C LYS A 242 -9.81 0.51 5.04
N TRP A 243 -10.30 -0.26 4.06
CA TRP A 243 -9.46 -0.69 2.95
C TRP A 243 -9.60 0.17 1.69
N PHE A 244 -10.63 1.01 1.59
CA PHE A 244 -10.84 1.86 0.43
C PHE A 244 -10.60 3.34 0.69
N LYS A 245 -10.35 3.74 1.95
CA LYS A 245 -10.15 5.15 2.26
C LYS A 245 -8.86 5.41 3.04
N ASN A 246 -7.98 4.44 3.13
CA ASN A 246 -6.71 4.59 3.83
C ASN A 246 -5.59 4.21 2.88
N PRO A 247 -4.38 4.73 3.12
CA PRO A 247 -3.27 4.42 2.22
C PRO A 247 -3.11 2.92 2.03
N ILE A 248 -2.87 2.53 0.78
CA ILE A 248 -2.55 1.15 0.43
C ILE A 248 -1.07 0.92 0.76
N LEU A 249 -0.80 0.08 1.76
CA LEU A 249 0.56 -0.05 2.27
C LEU A 249 1.29 -1.15 1.50
N VAL A 250 1.52 -0.87 0.23
CA VAL A 250 2.25 -1.77 -0.67
C VAL A 250 3.58 -1.17 -1.07
N ASN A 251 3.55 0.02 -1.67
CA ASN A 251 4.75 0.77 -2.03
C ASN A 251 4.84 2.01 -1.15
N HIS A 252 6.08 2.48 -0.98
CA HIS A 252 6.36 3.75 -0.30
C HIS A 252 6.02 3.70 1.18
N THR A 253 6.19 2.54 1.80
CA THR A 253 5.87 2.33 3.21
C THR A 253 7.11 2.47 4.08
N VAL A 254 6.88 2.67 5.38
CA VAL A 254 7.92 2.71 6.40
C VAL A 254 7.44 1.80 7.53
N TYR A 255 8.14 0.69 7.76
CA TYR A 255 7.74 -0.32 8.76
C TYR A 255 8.71 -0.27 9.93
N ILE A 256 8.20 0.14 11.09
CA ILE A 256 8.99 0.32 12.32
C ILE A 256 8.90 -0.97 13.13
N THR A 257 10.05 -1.49 13.56
CA THR A 257 10.07 -2.63 14.47
C THR A 257 10.93 -2.32 15.68
N ALA A 258 10.72 -3.06 16.76
CA ALA A 258 11.54 -2.84 17.94
C ALA A 258 12.95 -3.39 17.73
N ASP A 259 13.93 -2.67 18.28
CA ASP A 259 15.32 -3.11 18.33
C ASP A 259 15.66 -3.21 19.81
N LYS A 260 15.23 -4.31 20.44
CA LYS A 260 15.35 -4.40 21.89
C LYS A 260 16.81 -4.47 22.34
N GLN A 261 17.67 -5.11 21.54
CA GLN A 261 19.10 -5.17 21.82
C GLN A 261 19.70 -3.79 22.06
N LYS A 262 19.14 -2.77 21.43
CA LYS A 262 19.65 -1.41 21.58
C LYS A 262 18.64 -0.48 22.25
N ASN A 263 17.59 -1.05 22.86
CA ASN A 263 16.57 -0.27 23.57
C ASN A 263 15.96 0.79 22.65
N GLY A 264 15.78 0.45 21.38
CA GLY A 264 15.25 1.39 20.41
C GLY A 264 14.46 0.69 19.33
N ILE A 265 14.51 1.25 18.11
CA ILE A 265 13.73 0.77 16.99
C ILE A 265 14.63 0.68 15.77
N LYS A 266 14.13 -0.02 14.75
CA LYS A 266 14.83 -0.08 13.48
C LYS A 266 13.77 -0.12 12.39
N ALA A 267 14.22 0.07 11.15
CA ALA A 267 13.31 0.09 10.02
C ALA A 267 14.10 -0.24 8.76
N ASN A 268 13.41 -0.82 7.79
CA ASN A 268 14.05 -1.24 6.55
C ASN A 268 13.03 -0.90 5.48
N PHE A 269 13.34 0.06 4.62
CA PHE A 269 12.34 0.52 3.68
C PHE A 269 13.00 1.02 2.40
N LYS A 270 12.16 1.27 1.40
CA LYS A 270 12.64 1.59 0.06
C LYS A 270 11.99 2.89 -0.39
N ILE A 271 12.83 3.82 -0.84
CA ILE A 271 12.36 5.06 -1.46
C ILE A 271 12.60 4.95 -2.96
N HIS A 272 11.61 5.35 -3.75
CA HIS A 272 11.69 5.30 -5.20
C HIS A 272 11.70 6.73 -5.71
N HIS A 273 12.79 7.13 -6.35
CA HIS A 273 12.93 8.47 -6.90
C HIS A 273 12.73 8.41 -8.41
N ASN A 274 11.78 9.18 -8.91
CA ASN A 274 11.62 9.28 -10.35
C ASN A 274 12.84 9.91 -11.01
N VAL A 275 13.31 9.31 -12.11
CA VAL A 275 14.41 9.81 -12.91
C VAL A 275 13.85 10.56 -14.12
N GLU A 276 14.58 11.59 -14.55
CA GLU A 276 14.07 12.47 -15.60
CA GLU A 276 14.14 12.49 -15.63
C GLU A 276 13.90 11.77 -16.94
N ASP A 277 14.41 10.55 -17.09
CA ASP A 277 14.26 9.78 -18.32
C ASP A 277 13.16 8.74 -18.24
N GLY A 278 12.33 8.77 -17.19
CA GLY A 278 11.24 7.84 -17.03
C GLY A 278 11.55 6.62 -16.18
N SER A 279 12.82 6.36 -15.90
CA SER A 279 13.18 5.25 -15.02
C SER A 279 12.97 5.65 -13.56
N VAL A 280 13.22 4.71 -12.66
CA VAL A 280 13.08 4.91 -11.22
C VAL A 280 14.39 4.53 -10.55
N GLN A 281 14.89 5.42 -9.69
CA GLN A 281 16.10 5.18 -8.90
C GLN A 281 15.71 4.70 -7.51
N LEU A 282 16.09 3.46 -7.17
CA LEU A 282 15.81 2.90 -5.86
C LEU A 282 16.83 3.40 -4.84
N ALA A 283 16.34 3.75 -3.65
CA ALA A 283 17.17 4.20 -2.53
C ALA A 283 16.80 3.31 -1.35
N ASP A 284 17.62 2.28 -1.12
CA ASP A 284 17.36 1.32 -0.06
CA ASP A 284 17.37 1.31 -0.05
C ASP A 284 17.80 1.89 1.29
N HIS A 285 16.86 1.98 2.23
CA HIS A 285 17.10 2.57 3.54
C HIS A 285 17.17 1.50 4.62
N TYR A 286 18.23 1.51 5.42
CA TYR A 286 18.26 0.76 6.67
C TYR A 286 18.47 1.73 7.81
N GLN A 287 17.62 1.64 8.82
CA GLN A 287 17.56 2.63 9.88
C GLN A 287 17.64 1.97 11.25
N GLN A 288 18.41 2.59 12.15
CA GLN A 288 18.45 2.18 13.56
C GLN A 288 18.40 3.42 14.44
N ASN A 289 17.54 3.42 15.45
CA ASN A 289 17.45 4.49 16.43
C ASN A 289 17.70 3.95 17.84
N THR A 290 18.38 4.76 18.66
CA THR A 290 18.62 4.31 20.03
C THR A 290 18.60 5.54 20.94
N PRO A 291 18.10 5.41 22.17
CA PRO A 291 17.94 6.59 23.03
C PRO A 291 19.29 7.16 23.48
N ILE A 292 19.32 8.48 23.66
CA ILE A 292 20.52 9.15 24.15
C ILE A 292 20.61 9.03 25.67
N GLY A 293 19.49 9.19 26.36
CA GLY A 293 19.45 9.10 27.81
C GLY A 293 19.23 7.67 28.29
N ASP A 294 19.19 7.53 29.62
CA ASP A 294 19.00 6.23 30.26
C ASP A 294 17.61 6.04 30.85
N GLY A 295 16.71 7.01 30.70
CA GLY A 295 15.35 6.85 31.15
C GLY A 295 14.63 5.73 30.43
N PRO A 296 13.45 5.36 30.92
CA PRO A 296 12.66 4.32 30.24
C PRO A 296 12.11 4.85 28.92
N VAL A 297 11.98 3.95 27.95
CA VAL A 297 11.44 4.29 26.65
C VAL A 297 10.39 3.27 26.27
N LEU A 298 9.56 3.62 25.29
CA LEU A 298 8.54 2.70 24.80
C LEU A 298 9.11 1.89 23.64
N LEU A 299 9.00 0.57 23.73
CA LEU A 299 9.47 -0.30 22.66
C LEU A 299 8.25 -0.85 21.91
N PRO A 300 8.06 -0.51 20.63
CA PRO A 300 6.77 -0.72 19.98
C PRO A 300 6.58 -2.14 19.42
N ASP A 301 5.31 -2.49 19.24
CA ASP A 301 4.96 -3.57 18.34
C ASP A 301 5.16 -3.07 16.90
N ASN A 302 5.32 -4.02 15.96
CA ASN A 302 5.51 -3.65 14.56
C ASN A 302 4.37 -2.75 14.08
N HIS A 303 4.71 -1.65 13.41
CA HIS A 303 3.68 -0.79 12.84
C HIS A 303 4.27 0.01 11.69
N TYR A 304 3.42 0.73 10.98
CA TYR A 304 3.81 1.57 9.86
C TYR A 304 3.79 3.04 10.26
N LEU A 305 4.65 3.81 9.60
CA LEU A 305 4.52 5.26 9.53
C LEU A 305 4.17 5.57 8.09
N SER A 306 3.01 6.16 7.87
CA SER A 306 2.54 6.46 6.53
C SER A 306 2.85 7.92 6.23
N TYR A 307 3.70 8.16 5.24
CA TYR A 307 4.21 9.50 4.94
C TYR A 307 3.54 10.08 3.71
N GLN A 308 3.07 11.33 3.82
CA GLN A 308 2.64 12.11 2.67
C GLN A 308 3.54 13.33 2.58
N SER A 309 4.30 13.44 1.50
CA SER A 309 5.28 14.52 1.36
C SER A 309 5.03 15.32 0.09
N VAL A 310 5.06 16.64 0.22
CA VAL A 310 4.99 17.55 -0.93
C VAL A 310 6.23 18.44 -0.90
N LEU A 311 6.97 18.44 -2.01
CA LEU A 311 8.12 19.31 -2.19
C LEU A 311 7.73 20.52 -3.03
N SER A 312 8.19 21.70 -2.64
CA SER A 312 7.85 22.90 -3.38
C SER A 312 9.01 23.88 -3.32
N LYS A 313 8.83 25.03 -3.97
CA LYS A 313 9.84 26.08 -3.97
C LYS A 313 9.24 27.37 -3.43
N ASP A 314 10.10 28.21 -2.89
CA ASP A 314 9.69 29.51 -2.41
C ASP A 314 9.93 30.52 -3.52
N PRO A 315 8.89 31.15 -4.06
CA PRO A 315 9.10 32.01 -5.24
C PRO A 315 10.09 33.15 -4.99
N ASN A 316 10.17 33.66 -3.77
CA ASN A 316 11.06 34.79 -3.48
C ASN A 316 12.38 34.34 -2.86
N GLU A 317 12.85 33.15 -3.22
CA GLU A 317 14.06 32.57 -2.65
C GLU A 317 15.07 32.31 -3.75
N LYS A 318 16.22 32.98 -3.66
CA LYS A 318 17.25 32.84 -4.68
C LYS A 318 18.27 31.76 -4.36
N ARG A 319 18.37 31.34 -3.10
CA ARG A 319 19.30 30.26 -2.75
C ARG A 319 18.74 28.90 -3.17
N ASP A 320 19.65 27.93 -3.31
CA ASP A 320 19.26 26.54 -3.54
C ASP A 320 18.51 26.05 -2.30
N HIS A 321 17.28 25.56 -2.48
CA HIS A 321 16.46 25.31 -1.30
C HIS A 321 15.37 24.28 -1.63
N MET A 322 14.68 23.85 -0.57
CA MET A 322 13.56 22.93 -0.60
C MET A 322 12.56 23.32 0.46
N VAL A 323 11.30 23.45 0.07
CA VAL A 323 10.19 23.60 1.01
C VAL A 323 9.48 22.25 1.12
N LEU A 324 9.28 21.77 2.36
CA LEU A 324 8.76 20.43 2.56
C LEU A 324 7.53 20.48 3.45
N LEU A 325 6.43 19.89 2.98
CA LEU A 325 5.21 19.73 3.75
C LEU A 325 4.98 18.23 3.91
N GLU A 326 4.75 17.80 5.15
CA GLU A 326 4.59 16.36 5.38
C GLU A 326 3.47 16.13 6.38
N PHE A 327 2.72 15.07 6.16
CA PHE A 327 1.75 14.54 7.11
C PHE A 327 2.14 13.09 7.35
N VAL A 328 2.33 12.72 8.62
CA VAL A 328 2.88 11.44 9.01
C VAL A 328 1.94 10.80 10.03
N THR A 329 1.42 9.61 9.71
CA THR A 329 0.48 8.94 10.60
C THR A 329 0.95 7.52 10.86
N ALA A 330 0.97 7.15 12.14
CA ALA A 330 1.24 5.77 12.54
C ALA A 330 -0.03 4.95 12.35
N THR A 331 0.15 3.74 11.81
CA THR A 331 -0.99 2.87 11.60
C THR A 331 -0.57 1.41 11.67
N GLY A 332 -1.53 0.55 12.00
CA GLY A 332 -1.39 -0.86 11.75
C GLY A 332 -1.92 -1.20 10.37
N ASN A 333 -1.89 -2.47 10.05
CA ASN A 333 -2.42 -2.90 8.76
C ASN A 333 -3.04 -4.27 8.89
N SER A 334 -3.72 -4.47 10.02
CA SER A 334 -4.23 -5.76 10.41
C SER A 334 -5.68 -5.95 9.97
N LEU A 335 -6.02 -7.20 9.66
CA LEU A 335 -7.41 -7.60 9.55
C LEU A 335 -8.07 -7.58 10.93
N GLY A 336 -9.38 -7.39 10.94
CA GLY A 336 -10.14 -7.47 12.18
C GLY A 336 -9.75 -6.45 13.22
N SER A 348 -1.52 9.74 29.05
CA SER A 348 -0.38 9.61 28.16
C SER A 348 0.48 8.41 28.53
N MET A 349 1.23 7.86 27.56
CA MET A 349 2.03 6.67 27.77
C MET A 349 3.50 6.95 27.98
N SER A 350 3.93 8.20 27.89
CA SER A 350 5.28 8.58 28.29
C SER A 350 5.27 10.03 28.70
N LYS A 351 6.29 10.42 29.45
CA LYS A 351 6.43 11.83 29.80
C LYS A 351 6.78 12.66 28.56
N GLY A 352 7.62 12.12 27.67
CA GLY A 352 7.98 12.87 26.47
C GLY A 352 6.79 13.14 25.57
N GLU A 353 5.82 12.23 25.54
CA GLU A 353 4.60 12.45 24.78
C GLU A 353 3.99 13.81 25.09
N GLU A 354 4.01 14.21 26.36
CA GLU A 354 3.39 15.47 26.75
C GLU A 354 4.09 16.68 26.18
N LEU A 355 5.33 16.53 25.71
CA LEU A 355 6.10 17.65 25.20
C LEU A 355 5.71 18.02 23.77
N PHE A 356 4.82 17.24 23.14
CA PHE A 356 4.50 17.41 21.72
C PHE A 356 3.01 17.70 21.49
N THR A 357 2.29 18.17 22.52
CA THR A 357 0.86 18.44 22.39
C THR A 357 0.58 19.71 21.59
N GLY A 358 1.55 20.64 21.54
CA GLY A 358 1.42 21.86 20.78
C GLY A 358 2.25 21.84 19.51
N VAL A 359 2.56 23.02 19.00
CA VAL A 359 3.43 23.15 17.84
C VAL A 359 4.83 23.46 18.34
N VAL A 360 5.81 22.74 17.82
CA VAL A 360 7.18 22.76 18.34
C VAL A 360 8.10 23.28 17.24
N PRO A 361 8.90 24.32 17.51
CA PRO A 361 9.84 24.81 16.49
C PRO A 361 10.90 23.76 16.21
N ILE A 362 11.31 23.68 14.96
CA ILE A 362 12.28 22.70 14.49
C ILE A 362 13.49 23.42 13.91
N LEU A 363 14.67 22.87 14.18
CA LEU A 363 15.92 23.32 13.59
CA LEU A 363 15.92 23.32 13.59
C LEU A 363 16.64 22.08 13.07
N VAL A 364 17.05 22.11 11.81
CA VAL A 364 17.76 21.00 11.19
C VAL A 364 19.10 21.52 10.71
N GLU A 365 20.17 20.80 11.05
CA GLU A 365 21.52 21.12 10.59
C GLU A 365 22.12 19.86 9.99
N LEU A 366 22.50 19.92 8.73
CA LEU A 366 23.16 18.79 8.07
C LEU A 366 24.50 19.24 7.51
N ASP A 367 25.56 18.56 7.90
CA ASP A 367 26.85 18.70 7.25
C ASP A 367 27.13 17.42 6.48
N GLY A 368 27.43 17.57 5.20
CA GLY A 368 27.54 16.43 4.31
C GLY A 368 28.84 16.47 3.52
N ASP A 369 29.17 15.30 3.00
CA ASP A 369 30.36 15.08 2.19
C ASP A 369 30.04 13.87 1.32
N VAL A 370 29.84 14.12 0.03
CA VAL A 370 29.52 13.09 -0.95
C VAL A 370 30.64 13.09 -1.97
N ASN A 371 31.42 12.01 -2.02
CA ASN A 371 32.56 11.89 -2.93
C ASN A 371 33.51 13.08 -2.76
N GLY A 372 33.69 13.53 -1.53
CA GLY A 372 34.52 14.69 -1.26
C GLY A 372 33.85 16.03 -1.43
N HIS A 373 32.68 16.08 -2.07
CA HIS A 373 31.94 17.32 -2.26
C HIS A 373 31.30 17.70 -0.93
N LYS A 374 31.81 18.74 -0.28
CA LYS A 374 31.32 19.14 1.03
C LYS A 374 30.19 20.16 0.88
N PHE A 375 29.20 20.06 1.75
CA PHE A 375 28.06 20.96 1.68
C PHE A 375 27.36 20.97 3.02
N SER A 376 26.61 22.04 3.25
CA SER A 376 25.82 22.19 4.45
C SER A 376 24.40 22.57 4.05
N VAL A 377 23.45 22.12 4.89
CA VAL A 377 22.03 22.44 4.75
C VAL A 377 21.53 22.89 6.12
N ARG A 378 20.78 23.98 6.14
CA ARG A 378 20.14 24.44 7.37
C ARG A 378 18.65 24.53 7.11
N GLY A 379 17.87 24.00 8.04
CA GLY A 379 16.42 24.03 7.91
C GLY A 379 15.75 24.57 9.15
N GLU A 380 14.59 25.18 8.96
CA GLU A 380 13.77 25.53 10.10
C GLU A 380 12.30 25.34 9.73
N GLY A 381 11.49 25.20 10.76
CA GLY A 381 10.06 25.10 10.56
C GLY A 381 9.39 24.70 11.86
N GLU A 382 8.30 23.96 11.74
CA GLU A 382 7.62 23.54 12.96
C GLU A 382 6.94 22.19 12.78
N GLY A 383 6.73 21.51 13.89
CA GLY A 383 6.08 20.20 13.90
C GLY A 383 4.86 20.18 14.81
N ASP A 384 3.81 19.52 14.33
CA ASP A 384 2.51 19.49 15.00
C ASP A 384 2.10 18.02 15.12
N ALA A 385 2.60 17.33 16.15
CA ALA A 385 2.39 15.89 16.20
C ALA A 385 0.94 15.51 16.45
N THR A 386 0.14 16.44 16.97
CA THR A 386 -1.30 16.20 17.11
C THR A 386 -1.94 15.91 15.77
N ASN A 387 -1.46 16.57 14.71
CA ASN A 387 -1.94 16.34 13.36
C ASN A 387 -0.93 15.61 12.49
N GLY A 388 0.23 15.27 13.02
CA GLY A 388 1.24 14.62 12.22
C GLY A 388 1.85 15.51 11.16
N LYS A 389 1.79 16.83 11.33
CA LYS A 389 2.09 17.77 10.25
C LYS A 389 3.46 18.43 10.47
N LEU A 390 4.27 18.42 9.42
CA LEU A 390 5.59 19.06 9.43
C LEU A 390 5.61 20.10 8.32
N THR A 391 6.08 21.30 8.64
CA THR A 391 6.37 22.32 7.64
C THR A 391 7.81 22.77 7.84
N LEU A 392 8.66 22.56 6.83
CA LEU A 392 10.08 22.84 6.92
C LEU A 392 10.58 23.51 5.64
N LYS A 393 11.55 24.42 5.78
CA LYS A 393 12.26 24.98 4.63
C LYS A 393 13.75 24.80 4.86
N PHE A 394 14.41 24.23 3.86
CA PHE A 394 15.84 23.95 3.91
C PHE A 394 16.60 24.78 2.89
N ILE A 395 17.77 25.27 3.29
CA ILE A 395 18.63 26.04 2.40
C ILE A 395 20.00 25.39 2.37
N CYS A 396 20.59 25.31 1.18
CA CYS A 396 21.98 24.90 1.07
C CYS A 396 22.84 26.14 1.33
N THR A 397 23.48 26.19 2.49
CA THR A 397 24.20 27.40 2.90
C THR A 397 25.59 27.49 2.28
N THR A 398 26.05 26.45 1.60
CA THR A 398 27.36 26.43 0.97
C THR A 398 27.31 26.70 -0.53
N GLY A 399 26.12 26.95 -1.10
CA GLY A 399 26.00 27.20 -2.52
C GLY A 399 25.04 26.27 -3.23
N LYS A 400 25.49 25.68 -4.34
CA LYS A 400 24.68 24.72 -5.06
C LYS A 400 24.76 23.37 -4.34
N LEU A 401 23.60 22.78 -4.07
CA LEU A 401 23.59 21.45 -3.45
C LEU A 401 24.15 20.45 -4.46
N PRO A 402 25.14 19.64 -4.08
CA PRO A 402 25.76 18.72 -5.06
C PRO A 402 25.04 17.42 -5.27
N VAL A 403 23.89 17.19 -4.63
CA VAL A 403 23.08 15.99 -4.86
C VAL A 403 21.65 16.50 -5.02
N PRO A 404 20.69 15.67 -5.48
CA PRO A 404 19.32 16.16 -5.64
C PRO A 404 18.60 16.27 -4.30
N TRP A 405 17.85 17.37 -4.13
CA TRP A 405 17.07 17.57 -2.92
C TRP A 405 16.21 16.36 -2.53
N PRO A 406 15.51 15.68 -3.44
CA PRO A 406 14.68 14.54 -3.00
C PRO A 406 15.48 13.47 -2.30
N THR A 407 16.76 13.30 -2.63
CA THR A 407 17.54 12.28 -1.94
C THR A 407 17.83 12.61 -0.49
N LEU A 408 17.61 13.85 -0.04
CA LEU A 408 17.86 14.22 1.34
C LEU A 408 16.60 14.28 2.20
N VAL A 409 15.42 14.06 1.61
CA VAL A 409 14.17 14.24 2.34
C VAL A 409 14.14 13.37 3.59
N THR A 410 14.47 12.09 3.45
CA THR A 410 14.34 11.20 4.60
C THR A 410 15.37 11.51 5.69
N THR A 411 16.54 12.02 5.30
CA THR A 411 17.56 12.37 6.28
C THR A 411 17.16 13.62 7.04
N LEU A 412 16.71 14.65 6.33
CA LEU A 412 16.32 15.92 6.90
C LEU A 412 15.06 15.81 7.73
N1 GYS A 413 14.13 14.98 7.27
OG1 GYS A 413 10.53 15.51 7.78
CB1 GYS A 413 11.70 15.37 7.02
CA1 GYS A 413 12.80 14.79 7.89
C1 GYS A 413 12.61 13.29 8.07
N2 GYS A 413 11.89 12.54 7.25
N3 GYS A 413 13.28 12.57 9.04
C2 GYS A 413 12.97 11.23 8.86
O2 GYS A 413 13.42 10.30 9.53
CA2 GYS A 413 12.07 11.22 7.69
CA3 GYS A 413 14.31 13.00 9.97
CB2 GYS A 413 11.64 10.08 7.12
CG2 GYS A 413 10.79 9.85 5.95
CD1 GYS A 413 10.43 8.55 5.62
CD2 GYS A 413 10.41 10.88 5.09
CE1 GYS A 413 9.72 8.28 4.46
CE2 GYS A 413 9.70 10.62 3.93
CZ GYS A 413 9.34 9.32 3.61
OH GYS A 413 8.59 9.08 2.50
C3 GYS A 413 13.82 13.19 11.39
O3 GYS A 413 14.68 13.25 12.31
N VAL A 414 12.59 13.63 11.54
CA VAL A 414 12.10 14.02 12.87
C VAL A 414 10.81 13.24 13.12
N GLN A 415 10.95 11.92 13.22
CA GLN A 415 9.79 11.04 13.37
C GLN A 415 9.08 11.18 14.71
N CYS A 416 9.63 11.95 15.65
CA CYS A 416 8.86 12.31 16.85
C CYS A 416 7.61 13.12 16.53
N PHE A 417 7.45 13.63 15.31
CA PHE A 417 6.26 14.41 14.98
C PHE A 417 5.19 13.56 14.31
N ALA A 418 5.39 12.26 14.22
CA ALA A 418 4.34 11.39 13.71
C ALA A 418 3.10 11.46 14.60
N ARG A 419 1.92 11.38 13.98
CA ARG A 419 0.68 11.29 14.73
C ARG A 419 0.43 9.83 15.08
N TYR A 420 0.56 9.51 16.36
CA TYR A 420 0.15 8.22 16.87
C TYR A 420 -1.29 8.33 17.38
N PRO A 421 -2.24 7.60 16.79
CA PRO A 421 -3.62 7.64 17.30
C PRO A 421 -3.70 7.17 18.74
N ASP A 422 -4.80 7.58 19.40
CA ASP A 422 -4.98 7.27 20.82
C ASP A 422 -4.73 5.80 21.13
N HIS A 423 -5.22 4.90 20.28
CA HIS A 423 -5.08 3.48 20.58
C HIS A 423 -3.67 2.96 20.31
N MET A 424 -2.74 3.80 19.83
CA MET A 424 -1.38 3.33 19.58
C MET A 424 -0.30 4.15 20.26
N LYS A 425 -0.64 4.99 21.23
CA LYS A 425 0.39 5.85 21.80
C LYS A 425 1.42 5.05 22.61
N GLN A 426 1.07 3.84 23.05
CA GLN A 426 2.05 3.01 23.74
C GLN A 426 3.17 2.53 22.82
N HIS A 427 3.07 2.78 21.52
CA HIS A 427 4.07 2.34 20.55
C HIS A 427 4.97 3.46 20.06
N ASP A 428 4.88 4.65 20.67
CA ASP A 428 5.62 5.83 20.20
C ASP A 428 6.98 5.89 20.91
N PHE A 429 7.94 5.16 20.35
CA PHE A 429 9.31 5.23 20.87
C PHE A 429 9.84 6.65 20.80
N PHE A 430 9.62 7.32 19.66
CA PHE A 430 10.32 8.57 19.36
C PHE A 430 10.05 9.65 20.41
N LYS A 431 8.78 9.83 20.79
CA LYS A 431 8.48 10.84 21.79
C LYS A 431 8.91 10.38 23.18
N SER A 432 8.85 9.08 23.43
CA SER A 432 9.20 8.56 24.76
C SER A 432 10.67 8.80 25.08
N ALA A 433 11.53 8.88 24.06
CA ALA A 433 12.95 9.16 24.28
C ALA A 433 13.23 10.63 24.56
N MET A 434 12.21 11.46 24.56
CA MET A 434 12.43 12.89 24.69
C MET A 434 12.27 13.30 26.15
N PRO A 435 12.89 14.42 26.58
CA PRO A 435 13.65 15.40 25.81
C PRO A 435 15.10 15.04 25.51
N GLU A 436 15.66 14.06 26.22
CA GLU A 436 17.08 13.74 26.02
C GLU A 436 17.35 13.31 24.58
N GLY A 437 16.40 12.65 23.94
CA GLY A 437 16.49 12.45 22.50
C GLY A 437 16.97 11.06 22.10
N TYR A 438 17.24 10.92 20.80
CA TYR A 438 17.70 9.65 20.26
C TYR A 438 18.68 9.91 19.12
N VAL A 439 19.51 8.90 18.89
CA VAL A 439 20.37 8.82 17.72
C VAL A 439 19.59 8.12 16.62
N GLN A 440 19.65 8.66 15.41
CA GLN A 440 19.08 8.02 14.23
C GLN A 440 20.20 7.83 13.23
N GLU A 441 20.44 6.57 12.84
CA GLU A 441 21.49 6.24 11.89
C GLU A 441 20.89 5.48 10.71
N ARG A 442 21.33 5.82 9.51
CA ARG A 442 20.87 5.11 8.33
C ARG A 442 22.03 4.80 7.41
N THR A 443 21.84 3.73 6.63
CA THR A 443 22.54 3.52 5.38
C THR A 443 21.50 3.63 4.28
N ILE A 444 21.75 4.51 3.31
CA ILE A 444 20.88 4.68 2.13
C ILE A 444 21.71 4.25 0.91
N SER A 445 21.33 3.13 0.33
CA SER A 445 22.07 2.52 -0.78
C SER A 445 21.32 2.79 -2.07
N PHE A 446 21.91 3.62 -2.92
CA PHE A 446 21.31 3.93 -4.21
C PHE A 446 21.69 2.84 -5.20
N LYS A 447 20.68 2.15 -5.74
CA LYS A 447 20.94 1.01 -6.60
C LYS A 447 21.78 1.43 -7.79
N ASP A 448 22.79 0.61 -8.10
CA ASP A 448 23.75 0.88 -9.18
C ASP A 448 24.52 2.18 -8.97
N ASP A 449 24.63 2.66 -7.73
CA ASP A 449 25.30 3.93 -7.47
C ASP A 449 25.81 3.93 -6.01
N GLY A 450 26.04 5.12 -5.46
CA GLY A 450 26.74 5.25 -4.19
C GLY A 450 25.84 5.03 -2.98
N THR A 451 26.42 5.26 -1.79
CA THR A 451 25.76 5.01 -0.53
C THR A 451 25.90 6.23 0.38
N TYR A 452 24.80 6.61 1.03
CA TYR A 452 24.85 7.59 2.12
C TYR A 452 24.93 6.85 3.44
N LYS A 453 25.83 7.30 4.33
CA LYS A 453 25.76 6.93 5.73
C LYS A 453 25.40 8.18 6.53
N THR A 454 24.34 8.10 7.32
CA THR A 454 23.88 9.27 8.04
C THR A 454 23.80 8.97 9.53
N ARG A 455 24.12 9.98 10.33
CA ARG A 455 24.06 9.86 11.77
C ARG A 455 23.51 11.17 12.30
N ALA A 456 22.41 11.09 13.03
CA ALA A 456 21.74 12.27 13.54
C ALA A 456 21.48 12.11 15.04
N GLU A 457 21.49 13.23 15.74
CA GLU A 457 20.96 13.32 17.09
C GLU A 457 19.74 14.20 17.05
N VAL A 458 18.62 13.68 17.54
CA VAL A 458 17.34 14.38 17.56
C VAL A 458 16.97 14.59 19.02
N LYS A 459 16.86 15.84 19.45
CA LYS A 459 16.66 16.09 20.86
C LYS A 459 16.01 17.44 21.04
N LEU A 460 15.32 17.60 22.16
CA LEU A 460 14.78 18.90 22.53
C LEU A 460 15.87 19.68 23.23
N GLU A 461 16.21 20.84 22.70
CA GLU A 461 17.17 21.75 23.32
C GLU A 461 16.38 23.01 23.66
N GLY A 462 16.07 23.17 24.95
CA GLY A 462 15.12 24.16 25.35
C GLY A 462 13.76 23.79 24.80
N ASP A 463 13.15 24.68 24.03
CA ASP A 463 11.85 24.42 23.43
C ASP A 463 11.95 24.06 21.95
N THR A 464 13.16 23.90 21.42
CA THR A 464 13.38 23.65 20.00
C THR A 464 13.76 22.20 19.78
N LEU A 465 13.07 21.55 18.85
CA LEU A 465 13.46 20.20 18.43
C LEU A 465 14.58 20.34 17.39
N VAL A 466 15.75 19.82 17.72
CA VAL A 466 16.94 19.96 16.91
C VAL A 466 17.27 18.60 16.30
N ASN A 467 17.48 18.59 14.99
CA ASN A 467 17.94 17.42 14.25
C ASN A 467 19.30 17.79 13.67
N ARG A 468 20.38 17.30 14.27
CA ARG A 468 21.75 17.58 13.82
C ARG A 468 22.31 16.32 13.17
N ILE A 469 22.73 16.44 11.91
CA ILE A 469 23.05 15.30 11.06
C ILE A 469 24.44 15.44 10.46
N GLU A 470 25.16 14.33 10.45
CA GLU A 470 26.33 14.18 9.58
C GLU A 470 26.01 13.15 8.50
N LEU A 471 26.36 13.48 7.26
CA LEU A 471 26.12 12.62 6.11
C LEU A 471 27.42 12.38 5.37
N LYS A 472 27.72 11.12 5.09
CA LYS A 472 28.91 10.74 4.34
C LYS A 472 28.48 9.85 3.19
N GLY A 473 28.71 10.33 1.96
CA GLY A 473 28.41 9.56 0.77
C GLY A 473 29.69 9.16 0.07
N ILE A 474 29.72 7.91 -0.43
CA ILE A 474 30.88 7.33 -1.10
C ILE A 474 30.40 6.51 -2.29
N ASP A 475 31.33 6.28 -3.23
CA ASP A 475 31.16 5.41 -4.41
C ASP A 475 30.10 5.89 -5.40
N PHE A 476 29.76 7.16 -5.42
CA PHE A 476 28.80 7.64 -6.39
C PHE A 476 29.43 7.78 -7.77
N LYS A 477 28.62 7.56 -8.80
CA LYS A 477 29.03 7.80 -10.18
C LYS A 477 28.88 9.27 -10.51
N GLU A 478 29.96 9.88 -11.00
CA GLU A 478 29.95 11.32 -11.22
C GLU A 478 28.96 11.72 -12.32
N ASP A 479 28.63 10.80 -13.23
CA ASP A 479 27.61 11.05 -14.24
C ASP A 479 26.33 10.27 -13.96
N GLY A 480 26.16 9.76 -12.75
CA GLY A 480 24.98 8.98 -12.41
C GLY A 480 23.81 9.88 -12.03
N ASN A 481 22.73 9.24 -11.58
CA ASN A 481 21.48 9.96 -11.34
C ASN A 481 21.59 10.95 -10.18
N ILE A 482 22.50 10.72 -9.23
CA ILE A 482 22.58 11.56 -8.05
C ILE A 482 23.52 12.74 -8.30
N LEU A 483 24.81 12.46 -8.48
CA LEU A 483 25.75 13.54 -8.73
C LEU A 483 25.50 14.24 -10.07
N GLY A 484 24.84 13.57 -11.01
CA GLY A 484 24.42 14.16 -12.27
C GLY A 484 23.09 14.88 -12.25
N HIS A 485 22.45 14.99 -11.08
CA HIS A 485 21.22 15.77 -10.91
C HIS A 485 20.17 15.39 -11.95
N LYS A 486 19.84 14.10 -12.02
CA LYS A 486 18.87 13.59 -12.99
C LYS A 486 17.56 13.12 -12.35
N LEU A 487 17.35 13.44 -11.08
CA LEU A 487 16.13 13.05 -10.37
C LEU A 487 15.11 14.19 -10.41
N GLU A 488 13.85 13.83 -10.65
CA GLU A 488 12.78 14.81 -10.66
C GLU A 488 12.52 15.35 -9.26
N TYR A 489 12.02 16.59 -9.21
CA TYR A 489 11.75 17.28 -7.95
C TYR A 489 10.33 16.94 -7.51
N ASN A 490 10.19 15.75 -6.94
CA ASN A 490 8.87 15.27 -6.52
C ASN A 490 9.11 14.10 -5.58
N PHE A 491 8.02 13.50 -5.09
CA PHE A 491 8.12 12.42 -4.12
C PHE A 491 6.93 11.49 -4.25
N ASN A 492 7.18 10.19 -4.10
CA ASN A 492 6.12 9.19 -4.15
C ASN A 492 5.41 9.07 -2.80
N ASN A 493 4.08 9.04 -2.84
CA ASN A 493 3.25 8.89 -1.66
C ASN A 493 2.32 7.69 -1.81
N PRO A 494 2.04 6.97 -0.71
CA PRO A 494 1.07 5.86 -0.79
C PRO A 494 -0.34 6.39 -0.98
N LEU A 495 -1.03 5.86 -1.97
CA LEU A 495 -2.34 6.34 -2.37
C LEU A 495 -3.45 5.52 -1.73
N ASN A 496 -4.65 6.10 -1.72
CA ASN A 496 -5.82 5.33 -1.32
C ASN A 496 -6.80 5.31 -2.47
N MET A 497 -7.71 4.36 -2.36
CA MET A 497 -8.70 4.09 -3.38
C MET A 497 -9.57 5.34 -3.60
N ASN A 498 -9.86 6.05 -2.50
CA ASN A 498 -10.72 7.23 -2.49
C ASN A 498 -12.05 6.96 -3.18
N PHE A 499 -12.66 5.83 -2.80
CA PHE A 499 -14.00 5.43 -3.25
C PHE A 499 -15.01 5.65 -2.13
N GLU A 500 -16.26 6.00 -2.52
CA GLU A 500 -17.37 6.01 -1.57
C GLU A 500 -18.25 4.79 -1.80
N LEU A 501 -18.82 4.28 -0.71
CA LEU A 501 -19.72 3.13 -0.80
C LEU A 501 -21.02 3.53 -1.49
N SER A 502 -21.38 2.80 -2.54
CA SER A 502 -22.51 3.16 -3.38
C SER A 502 -23.84 2.85 -2.69
N ASP A 503 -24.90 3.51 -3.18
CA ASP A 503 -26.23 3.22 -2.68
C ASP A 503 -26.56 1.74 -2.87
N GLU A 504 -26.14 1.18 -4.01
CA GLU A 504 -26.40 -0.23 -4.29
C GLU A 504 -25.72 -1.12 -3.26
N MET A 505 -24.46 -0.83 -2.90
CA MET A 505 -23.79 -1.61 -1.85
C MET A 505 -24.47 -1.47 -0.51
N LYS A 506 -24.91 -0.26 -0.16
CA LYS A 506 -25.55 -0.08 1.14
C LYS A 506 -26.86 -0.87 1.19
N ALA A 507 -27.59 -0.90 0.08
CA ALA A 507 -28.83 -1.64 0.04
C ALA A 507 -28.57 -3.14 0.11
N LEU A 508 -27.48 -3.61 -0.52
CA LEU A 508 -27.10 -5.02 -0.41
C LEU A 508 -26.70 -5.39 1.01
N PHE A 509 -25.97 -4.49 1.69
CA PHE A 509 -25.55 -4.80 3.05
C PHE A 509 -26.77 -4.88 3.99
N LYS A 510 -27.84 -4.14 3.68
CA LYS A 510 -29.08 -4.21 4.45
C LYS A 510 -29.80 -5.54 4.22
N GLU A 511 -29.77 -6.04 2.98
CA GLU A 511 -30.49 -7.23 2.55
C GLU A 511 -29.54 -8.14 1.78
N PRO A 512 -28.65 -8.84 2.49
CA PRO A 512 -27.64 -9.65 1.81
C PRO A 512 -28.25 -10.70 0.89
N ASN A 513 -27.59 -10.95 -0.24
CA ASN A 513 -28.06 -11.98 -1.17
C ASN A 513 -26.86 -12.56 -1.91
N ASP A 514 -27.08 -13.75 -2.50
CA ASP A 514 -26.02 -14.48 -3.21
C ASP A 514 -26.30 -14.59 -4.70
N LYS A 515 -27.02 -13.62 -5.28
CA LYS A 515 -27.47 -13.71 -6.66
C LYS A 515 -26.41 -13.21 -7.62
N ALA A 516 -26.14 -14.00 -8.66
CA ALA A 516 -25.42 -13.48 -9.81
C ALA A 516 -26.20 -12.34 -10.44
N LEU A 517 -25.48 -11.34 -10.95
CA LEU A 517 -26.12 -10.17 -11.55
C LEU A 517 -26.55 -10.45 -12.98
N GLU B . -14.02 -10.57 -11.08
CA GLU B . -13.41 -11.07 -12.33
C GLU B . -13.41 -12.58 -12.38
O GLU B . -13.78 -13.24 -11.38
CB GLU B . -12.00 -10.48 -12.52
CG GLU B . -11.13 -10.36 -11.27
CD GLU B . -10.40 -11.64 -10.85
OE1 GLU B . -10.65 -12.71 -11.44
OE2 GLU B . -9.57 -11.55 -9.93
OXT GLU B . -13.05 -13.16 -13.42
#